data_3ZM3
#
_entry.id   3ZM3
#
_cell.length_a   40.190
_cell.length_b   42.091
_cell.length_c   49.386
_cell.angle_alpha   71.99
_cell.angle_beta   81.09
_cell.angle_gamma   75.36
#
_symmetry.space_group_name_H-M   'P 1'
#
loop_
_entity.id
_entity.type
_entity.pdbx_description
1 polymer 'TYROSINE-PROTEIN PHOSPHATASE NON-RECEPTOR TYPE 11'
2 water water
#
_entity_poly.entity_id   1
_entity_poly.type   'polypeptide(L)'
_entity_poly.pdbx_seq_one_letter_code
;GAHMWEEFETLQQQECKLLYSRKEGQRQENKNKNRYKNILPFDHTRVVLHDGDPNEPVSDYINANIIMPEFETKCNNSKP
KKSYIATQGCLQNTVNDFWRMVFQENSRVIVMTTKEVERGKSKCVKYWPDEYALKEYGVMRVRNVKESAAHDYTLRELKL
SKVGQGNTERTVWQYHFRTWPDHGVPSDPGGVLDFLEEVHHKQESIMDAGPVVVHCSAGIGRTGTFIVIDILIDIIREKG
VDRDIDVPKTIQMVRSQRSGMVQTEAQYRFIYMAVQHYIETLQR
;
_entity_poly.pdbx_strand_id   A
#
# COMPACT_ATOMS: atom_id res chain seq x y z
N GLY A 1 -14.19 -11.51 -17.64
CA GLY A 1 -15.40 -11.73 -16.80
C GLY A 1 -14.99 -11.80 -15.35
N ALA A 2 -15.84 -11.28 -14.47
CA ALA A 2 -15.47 -11.28 -13.02
C ALA A 2 -16.13 -12.41 -12.23
N HIS A 3 -16.45 -13.51 -12.90
CA HIS A 3 -16.99 -14.68 -12.22
C HIS A 3 -16.00 -15.53 -11.41
N MET A 4 -16.41 -15.98 -10.22
CA MET A 4 -15.55 -16.87 -9.44
CA MET A 4 -15.58 -16.85 -9.42
C MET A 4 -15.71 -18.32 -9.86
N TRP A 5 -14.67 -18.84 -10.51
CA TRP A 5 -14.69 -20.25 -11.01
C TRP A 5 -14.00 -21.17 -9.99
N GLU A 6 -13.07 -20.62 -9.16
CA GLU A 6 -12.28 -21.43 -8.24
C GLU A 6 -12.43 -20.95 -6.81
N GLU A 7 -12.44 -21.87 -5.85
CA GLU A 7 -12.56 -21.52 -4.44
C GLU A 7 -11.23 -21.03 -3.84
N PHE A 8 -11.33 -20.19 -2.81
CA PHE A 8 -10.15 -19.66 -2.07
C PHE A 8 -9.17 -20.74 -1.66
N GLU A 9 -9.68 -21.91 -1.24
CA GLU A 9 -8.85 -23.01 -0.68
C GLU A 9 -7.83 -23.51 -1.71
N THR A 10 -8.13 -23.33 -2.98
CA THR A 10 -7.23 -23.81 -4.07
C THR A 10 -6.02 -22.92 -4.20
N LEU A 11 -6.08 -21.69 -3.70
CA LEU A 11 -4.88 -20.85 -3.71
C LEU A 11 -3.73 -21.31 -2.81
N GLN A 12 -4.05 -22.04 -1.74
CA GLN A 12 -3.10 -22.89 -0.95
C GLN A 12 -3.50 -22.97 0.51
N TYR A 20 11.24 -18.69 -2.48
CA TYR A 20 11.97 -17.40 -2.44
C TYR A 20 12.50 -17.11 -1.03
N SER A 21 13.75 -16.70 -0.89
CA SER A 21 14.28 -16.45 0.45
C SER A 21 13.89 -15.07 1.01
N ARG A 22 13.99 -14.98 2.33
CA ARG A 22 13.57 -13.83 3.15
C ARG A 22 14.71 -13.56 4.15
N LYS A 23 15.93 -13.72 3.68
CA LYS A 23 17.10 -13.73 4.55
C LYS A 23 17.29 -12.37 5.28
N GLU A 24 17.22 -11.30 4.51
CA GLU A 24 17.41 -9.95 5.10
C GLU A 24 16.44 -9.75 6.28
N GLY A 25 15.14 -10.14 6.11
CA GLY A 25 14.13 -9.80 7.17
C GLY A 25 14.39 -10.67 8.41
N GLN A 26 15.20 -11.74 8.30
CA GLN A 26 15.44 -12.74 9.37
C GLN A 26 16.71 -12.40 10.16
N ARG A 27 17.46 -11.42 9.67
CA ARG A 27 18.68 -11.00 10.37
C ARG A 27 18.34 -10.43 11.74
N GLN A 28 19.23 -10.70 12.70
CA GLN A 28 19.09 -10.20 14.09
C GLN A 28 18.92 -8.70 14.20
N GLU A 29 19.59 -7.97 13.30
CA GLU A 29 19.54 -6.50 13.33
C GLU A 29 18.21 -5.95 12.83
N ASN A 30 17.49 -6.79 12.10
CA ASN A 30 16.22 -6.43 11.58
C ASN A 30 14.97 -6.89 12.38
N LYS A 31 15.19 -7.68 13.46
CA LYS A 31 14.04 -8.32 14.08
C LYS A 31 13.02 -7.32 14.59
N ASN A 32 13.47 -6.17 15.15
CA ASN A 32 12.55 -5.22 15.75
C ASN A 32 11.91 -4.26 14.73
N LYS A 33 12.23 -4.47 13.46
CA LYS A 33 11.71 -3.68 12.30
C LYS A 33 10.51 -4.38 11.68
N ASN A 34 10.16 -5.56 12.23
CA ASN A 34 9.03 -6.35 11.77
C ASN A 34 7.90 -6.34 12.75
N ARG A 35 6.69 -6.04 12.28
CA ARG A 35 5.59 -5.99 13.21
C ARG A 35 5.20 -7.39 13.71
N TYR A 36 5.32 -8.35 12.80
CA TYR A 36 5.00 -9.76 13.03
C TYR A 36 6.23 -10.61 12.65
N LYS A 37 6.61 -11.48 13.60
CA LYS A 37 7.90 -12.15 13.51
C LYS A 37 8.15 -12.98 12.24
N ASN A 38 7.12 -13.64 11.68
CA ASN A 38 7.30 -14.45 10.46
C ASN A 38 6.54 -13.96 9.24
N ILE A 39 6.19 -12.66 9.23
CA ILE A 39 5.73 -12.00 7.98
C ILE A 39 6.86 -11.06 7.52
N LEU A 40 7.61 -11.52 6.56
CA LEU A 40 8.88 -10.91 6.17
C LEU A 40 8.89 -10.71 4.65
N PRO A 41 9.63 -9.74 4.14
CA PRO A 41 9.69 -9.46 2.68
C PRO A 41 10.62 -10.46 1.98
N PHE A 42 10.26 -10.88 0.76
CA PHE A 42 11.23 -11.66 -0.04
C PHE A 42 12.44 -10.77 -0.41
N ASP A 43 13.64 -11.33 -0.31
CA ASP A 43 14.83 -10.57 -0.71
C ASP A 43 14.76 -10.05 -2.15
N HIS A 44 14.21 -10.85 -3.07
CA HIS A 44 14.34 -10.48 -4.48
C HIS A 44 13.54 -9.26 -4.88
N THR A 45 12.52 -8.91 -4.06
CA THR A 45 11.67 -7.78 -4.37
C THR A 45 11.68 -6.73 -3.24
N ARG A 46 12.48 -6.93 -2.16
CA ARG A 46 12.35 -5.97 -1.05
C ARG A 46 12.81 -4.59 -1.46
N VAL A 47 12.30 -3.60 -0.73
CA VAL A 47 12.75 -2.25 -0.98
C VAL A 47 14.10 -2.09 -0.24
N VAL A 48 15.16 -1.83 -0.99
CA VAL A 48 16.47 -1.68 -0.33
C VAL A 48 16.73 -0.15 -0.15
N LEU A 49 16.84 0.26 1.10
CA LEU A 49 17.10 1.68 1.48
C LEU A 49 18.53 2.09 1.50
N HIS A 50 18.85 3.05 0.65
CA HIS A 50 20.23 3.50 0.49
C HIS A 50 20.42 4.78 1.32
N ASP A 51 21.65 5.31 1.28
CA ASP A 51 21.98 6.60 1.93
C ASP A 51 21.68 6.61 3.42
N GLY A 52 21.76 5.45 4.05
CA GLY A 52 21.59 5.39 5.52
C GLY A 52 22.72 6.02 6.32
N ASP A 53 22.40 6.29 7.58
CA ASP A 53 23.35 6.79 8.59
C ASP A 53 24.58 5.85 8.66
N PRO A 54 25.81 6.36 8.34
CA PRO A 54 26.99 5.49 8.28
C PRO A 54 27.42 4.96 9.68
N ASN A 55 26.83 5.46 10.78
CA ASN A 55 27.07 4.87 12.13
C ASN A 55 26.24 3.61 12.36
N GLU A 56 25.29 3.33 11.47
CA GLU A 56 24.42 2.15 11.56
C GLU A 56 24.92 1.00 10.75
N PRO A 57 25.29 -0.09 11.41
CA PRO A 57 25.71 -1.26 10.64
C PRO A 57 24.69 -1.77 9.65
N VAL A 58 23.41 -1.77 9.99
CA VAL A 58 22.36 -2.18 9.04
C VAL A 58 21.37 -1.00 8.88
N SER A 59 21.28 -0.40 7.70
CA SER A 59 20.38 0.72 7.58
C SER A 59 19.56 0.60 6.25
N ASP A 60 19.60 -0.58 5.62
CA ASP A 60 19.04 -0.69 4.28
C ASP A 60 17.73 -1.50 4.30
N TYR A 61 17.15 -1.74 5.47
CA TYR A 61 15.98 -2.64 5.55
C TYR A 61 14.67 -2.01 6.00
N ILE A 62 13.60 -2.33 5.27
CA ILE A 62 12.26 -2.05 5.74
C ILE A 62 11.39 -3.17 5.26
N ASN A 63 10.39 -3.51 6.08
CA ASN A 63 9.50 -4.57 5.67
C ASN A 63 8.49 -4.11 4.63
N ALA A 64 8.95 -4.22 3.38
CA ALA A 64 8.25 -3.68 2.23
C ALA A 64 8.74 -4.39 0.96
N ASN A 65 7.83 -4.65 0.01
CA ASN A 65 8.23 -5.24 -1.32
C ASN A 65 7.60 -4.43 -2.43
N ILE A 66 8.34 -4.30 -3.54
CA ILE A 66 7.76 -3.74 -4.76
C ILE A 66 6.92 -4.81 -5.40
N ILE A 67 5.74 -4.42 -5.84
CA ILE A 67 4.83 -5.29 -6.56
C ILE A 67 4.65 -4.73 -7.97
N MET A 68 5.00 -5.56 -8.96
CA MET A 68 4.95 -5.21 -10.37
C MET A 68 3.90 -6.12 -10.99
N PRO A 69 2.89 -5.54 -11.63
CA PRO A 69 1.95 -6.36 -12.33
C PRO A 69 2.71 -7.02 -13.48
N GLU A 70 2.52 -8.32 -13.69
CA GLU A 70 3.16 -8.99 -14.84
C GLU A 70 2.23 -10.09 -15.32
N LYS A 79 -0.46 1.40 -22.16
CA LYS A 79 -0.78 1.20 -20.71
C LYS A 79 0.29 1.87 -19.86
N PRO A 80 -0.07 2.85 -18.98
CA PRO A 80 1.01 3.28 -18.07
C PRO A 80 1.43 2.16 -17.15
N LYS A 81 2.73 2.03 -16.95
CA LYS A 81 3.32 1.00 -16.11
C LYS A 81 3.24 1.49 -14.69
N LYS A 82 2.37 0.88 -13.90
CA LYS A 82 2.15 1.33 -12.53
C LYS A 82 2.71 0.21 -11.66
N SER A 83 3.37 0.54 -10.57
CA SER A 83 3.78 -0.47 -9.63
C SER A 83 3.36 -0.03 -8.22
N TYR A 84 3.59 -0.91 -7.25
CA TYR A 84 3.19 -0.65 -5.87
C TYR A 84 4.31 -1.01 -4.92
N ILE A 85 4.25 -0.37 -3.72
CA ILE A 85 5.07 -0.87 -2.62
C ILE A 85 4.05 -1.39 -1.62
N ALA A 86 4.13 -2.69 -1.28
CA ALA A 86 3.23 -3.22 -0.24
C ALA A 86 4.04 -3.27 1.05
N THR A 87 3.54 -2.69 2.14
CA THR A 87 4.34 -2.58 3.37
C THR A 87 3.39 -2.64 4.59
N GLN A 88 3.96 -2.84 5.78
CA GLN A 88 3.28 -2.86 7.03
C GLN A 88 3.08 -1.40 7.52
N GLY A 89 2.09 -1.26 8.38
CA GLY A 89 1.97 -0.02 9.13
C GLY A 89 3.26 0.26 9.89
N CYS A 90 3.68 1.53 9.92
CA CYS A 90 4.90 1.94 10.68
C CYS A 90 4.86 1.51 12.15
N LEU A 91 6.04 1.12 12.64
CA LEU A 91 6.22 0.98 14.07
C LEU A 91 6.93 2.25 14.53
N GLN A 92 6.98 2.47 15.84
CA GLN A 92 7.62 3.73 16.33
C GLN A 92 9.06 3.88 15.74
N ASN A 93 9.78 2.76 15.75
CA ASN A 93 11.15 2.71 15.27
C ASN A 93 11.33 2.57 13.74
N THR A 94 10.23 2.57 12.97
CA THR A 94 10.40 2.47 11.51
C THR A 94 9.77 3.64 10.74
N VAL A 95 9.19 4.64 11.48
CA VAL A 95 8.63 5.86 10.81
C VAL A 95 9.69 6.52 9.95
N ASN A 96 10.89 6.72 10.52
CA ASN A 96 11.95 7.39 9.72
C ASN A 96 12.31 6.66 8.41
N ASP A 97 12.41 5.34 8.55
CA ASP A 97 12.69 4.51 7.40
C ASP A 97 11.54 4.50 6.40
N PHE A 98 10.31 4.64 6.91
CA PHE A 98 9.21 4.69 5.98
C PHE A 98 9.35 5.96 5.11
N TRP A 99 9.75 7.10 5.73
CA TRP A 99 9.84 8.32 4.86
C TRP A 99 11.08 8.28 3.95
N ARG A 100 12.14 7.61 4.40
CA ARG A 100 13.30 7.41 3.49
C ARG A 100 12.85 6.59 2.26
N MET A 101 12.01 5.59 2.48
CA MET A 101 11.48 4.77 1.39
C MET A 101 10.66 5.62 0.42
N VAL A 102 9.66 6.36 0.91
CA VAL A 102 8.82 7.19 0.03
C VAL A 102 9.63 8.17 -0.77
N PHE A 103 10.58 8.80 -0.13
CA PHE A 103 11.50 9.77 -0.84
C PHE A 103 12.33 9.09 -1.92
N GLN A 104 13.02 8.03 -1.52
CA GLN A 104 13.90 7.39 -2.44
C GLN A 104 13.19 6.84 -3.67
N GLU A 105 12.02 6.24 -3.43
CA GLU A 105 11.28 5.64 -4.53
C GLU A 105 10.46 6.58 -5.38
N ASN A 106 10.46 7.89 -5.04
CA ASN A 106 9.70 8.89 -5.76
C ASN A 106 8.20 8.66 -5.62
N SER A 107 7.76 7.98 -4.55
CA SER A 107 6.32 7.73 -4.35
C SER A 107 5.60 9.07 -4.09
N ARG A 108 4.49 9.27 -4.76
CA ARG A 108 3.70 10.48 -4.57
C ARG A 108 2.30 10.20 -4.02
N VAL A 109 1.94 8.92 -3.85
CA VAL A 109 0.59 8.54 -3.34
C VAL A 109 0.79 7.39 -2.33
N ILE A 110 0.16 7.59 -1.16
CA ILE A 110 0.16 6.59 -0.13
C ILE A 110 -1.28 6.21 0.13
N VAL A 111 -1.52 4.89 0.26
CA VAL A 111 -2.85 4.34 0.54
C VAL A 111 -2.80 3.63 1.90
N MET A 112 -3.43 4.22 2.92
CA MET A 112 -3.44 3.62 4.27
C MET A 112 -4.80 3.00 4.41
N THR A 113 -4.83 1.72 4.72
CA THR A 113 -6.15 0.97 4.73
C THR A 113 -6.67 0.63 6.13
N THR A 114 -5.94 1.08 7.12
CA THR A 114 -6.37 0.83 8.51
CA THR A 114 -6.33 0.81 8.49
C THR A 114 -6.53 2.08 9.33
N LYS A 115 -7.19 1.94 10.52
CA LYS A 115 -7.02 2.94 11.55
C LYS A 115 -5.60 2.78 12.13
N GLU A 116 -5.19 3.72 12.97
CA GLU A 116 -3.97 3.59 13.76
C GLU A 116 -4.11 2.49 14.78
N VAL A 117 -5.30 2.39 15.39
CA VAL A 117 -5.57 1.37 16.45
C VAL A 117 -6.94 0.83 16.12
N GLU A 118 -7.05 -0.50 16.03
CA GLU A 118 -8.30 -1.19 15.78
C GLU A 118 -8.48 -2.22 16.89
N ARG A 119 -9.65 -2.16 17.50
CA ARG A 119 -9.94 -3.05 18.67
C ARG A 119 -8.84 -3.12 19.69
N GLY A 120 -8.26 -1.96 19.96
CA GLY A 120 -7.25 -1.80 21.02
C GLY A 120 -5.90 -2.33 20.72
N LYS A 121 -5.63 -2.69 19.43
CA LYS A 121 -4.32 -3.12 19.01
C LYS A 121 -3.77 -2.12 17.99
N SER A 122 -2.51 -1.76 18.17
CA SER A 122 -1.91 -0.81 17.19
C SER A 122 -1.75 -1.50 15.83
N LYS A 123 -2.13 -0.81 14.78
CA LYS A 123 -1.93 -1.30 13.40
C LYS A 123 -0.95 -0.43 12.63
N CYS A 124 -0.70 0.81 13.07
CA CYS A 124 0.23 1.76 12.41
C CYS A 124 0.41 2.96 13.34
N VAL A 125 1.66 3.33 13.60
CA VAL A 125 1.98 4.53 14.33
C VAL A 125 1.78 5.69 13.38
N LYS A 126 1.25 6.76 13.94
CA LYS A 126 1.02 7.96 13.19
C LYS A 126 2.35 8.53 12.62
N TYR A 127 2.43 8.62 11.28
CA TYR A 127 3.68 9.02 10.65
C TYR A 127 3.55 10.31 9.85
N TRP A 128 2.40 10.96 10.03
CA TRP A 128 2.19 12.26 9.43
C TRP A 128 1.92 13.31 10.53
N PRO A 129 2.28 14.59 10.26
CA PRO A 129 1.91 15.63 11.23
C PRO A 129 0.45 16.02 11.15
N ASP A 130 -0.07 16.65 12.20
CA ASP A 130 -1.44 17.20 12.18
C ASP A 130 -1.58 18.27 11.04
N GLU A 131 -2.82 18.64 10.71
CA GLU A 131 -3.05 19.55 9.62
C GLU A 131 -2.46 20.92 10.02
N TYR A 132 -1.72 21.56 9.09
CA TYR A 132 -1.09 22.88 9.35
C TYR A 132 0.11 22.78 10.27
N ALA A 133 0.70 21.59 10.37
CA ALA A 133 1.94 21.45 11.11
C ALA A 133 3.04 20.76 10.26
N LEU A 134 4.30 20.88 10.69
CA LEU A 134 5.41 20.13 10.06
C LEU A 134 6.22 19.42 11.13
N LYS A 135 6.80 18.27 10.77
CA LYS A 135 7.66 17.54 11.71
C LYS A 135 8.78 16.98 10.87
N GLU A 136 9.94 16.78 11.51
CA GLU A 136 11.06 16.16 10.87
C GLU A 136 11.14 14.75 11.40
N TYR A 137 11.23 13.81 10.48
CA TYR A 137 11.30 12.37 10.83
C TYR A 137 12.70 12.01 10.30
N GLY A 138 13.68 12.11 11.20
CA GLY A 138 15.03 11.85 10.82
C GLY A 138 15.47 12.91 9.80
N VAL A 139 16.01 12.50 8.65
CA VAL A 139 16.46 13.49 7.68
C VAL A 139 15.35 14.03 6.79
N MET A 140 14.08 13.60 7.02
CA MET A 140 12.98 14.01 6.12
C MET A 140 12.08 15.02 6.78
N ARG A 141 11.65 16.01 6.03
CA ARG A 141 10.76 17.07 6.58
C ARG A 141 9.39 16.84 5.95
N VAL A 142 8.36 16.79 6.78
CA VAL A 142 7.02 16.56 6.26
CA VAL A 142 7.03 16.55 6.26
C VAL A 142 6.09 17.65 6.79
N ARG A 143 5.43 18.35 5.87
CA ARG A 143 4.47 19.44 6.17
C ARG A 143 3.05 18.97 5.74
N ASN A 144 2.06 19.01 6.63
CA ASN A 144 0.69 18.70 6.24
C ASN A 144 -0.04 19.98 5.90
N VAL A 145 -0.26 20.25 4.60
CA VAL A 145 -0.77 21.56 4.25
C VAL A 145 -2.30 21.60 4.16
N LYS A 146 -2.98 20.45 4.11
CA LYS A 146 -4.46 20.48 3.98
C LYS A 146 -5.00 19.04 4.11
N GLU A 147 -6.05 18.85 4.92
CA GLU A 147 -6.79 17.57 4.93
C GLU A 147 -8.19 17.83 4.29
N SER A 148 -8.71 16.77 3.69
CA SER A 148 -10.07 16.76 3.14
C SER A 148 -10.72 15.47 3.61
N ALA A 149 -11.84 15.62 4.31
CA ALA A 149 -12.47 14.47 4.98
C ALA A 149 -13.68 14.04 4.27
N ALA A 150 -13.62 12.90 3.55
CA ALA A 150 -14.75 12.49 2.64
C ALA A 150 -15.40 11.28 3.28
N HIS A 151 -16.50 10.78 2.71
CA HIS A 151 -17.25 9.80 3.44
C HIS A 151 -16.42 8.60 3.85
N ASP A 152 -15.69 8.05 2.88
CA ASP A 152 -14.94 6.82 3.13
C ASP A 152 -13.48 7.01 3.43
N TYR A 153 -12.96 8.23 3.31
CA TYR A 153 -11.49 8.38 3.51
C TYR A 153 -11.16 9.83 3.83
N THR A 154 -9.95 10.04 4.32
CA THR A 154 -9.42 11.40 4.49
C THR A 154 -8.18 11.52 3.57
N LEU A 155 -8.12 12.60 2.77
CA LEU A 155 -6.94 12.86 1.97
C LEU A 155 -6.08 13.89 2.68
N ARG A 156 -4.79 13.59 2.85
CA ARG A 156 -3.83 14.50 3.47
C ARG A 156 -2.80 14.93 2.41
N GLU A 157 -2.70 16.25 2.18
CA GLU A 157 -1.74 16.78 1.18
C GLU A 157 -0.47 17.08 1.95
N LEU A 158 0.54 16.26 1.77
CA LEU A 158 1.80 16.32 2.52
C LEU A 158 2.88 16.82 1.58
N LYS A 159 3.81 17.65 2.10
CA LYS A 159 4.95 18.10 1.30
C LYS A 159 6.18 17.48 1.96
N LEU A 160 6.95 16.76 1.13
CA LEU A 160 8.11 16.01 1.66
C LEU A 160 9.40 16.53 1.05
N SER A 161 10.33 16.83 1.92
CA SER A 161 11.69 17.22 1.49
C SER A 161 12.75 16.67 2.38
N LYS A 162 13.97 16.65 1.85
CA LYS A 162 15.05 16.22 2.70
C LYS A 162 15.52 17.44 3.54
N VAL A 163 15.72 17.23 4.85
CA VAL A 163 16.17 18.32 5.72
C VAL A 163 17.43 19.00 5.15
N GLY A 164 17.35 20.33 5.12
CA GLY A 164 18.43 21.25 4.78
C GLY A 164 18.64 21.39 3.29
N GLN A 165 17.99 20.51 2.52
CA GLN A 165 18.33 20.30 1.14
C GLN A 165 17.34 21.05 0.24
N GLY A 166 17.92 21.89 -0.63
CA GLY A 166 17.17 22.74 -1.53
C GLY A 166 16.56 21.97 -2.69
N ASN A 167 15.34 22.40 -3.03
CA ASN A 167 14.51 21.91 -4.15
C ASN A 167 14.27 20.42 -4.24
N THR A 168 14.30 19.78 -3.08
CA THR A 168 13.97 18.35 -3.02
C THR A 168 12.50 18.14 -2.65
N GLU A 169 11.75 19.23 -2.45
CA GLU A 169 10.30 19.07 -2.05
C GLU A 169 9.38 18.44 -3.12
N ARG A 170 8.49 17.53 -2.72
CA ARG A 170 7.45 17.02 -3.63
C ARG A 170 6.20 16.79 -2.85
N THR A 171 5.05 16.87 -3.48
CA THR A 171 3.80 16.61 -2.78
C THR A 171 3.54 15.11 -2.70
N VAL A 172 3.20 14.60 -1.50
CA VAL A 172 2.83 13.16 -1.32
C VAL A 172 1.38 13.20 -0.82
N TRP A 173 0.52 12.53 -1.55
CA TRP A 173 -0.94 12.53 -1.27
C TRP A 173 -1.26 11.26 -0.52
N GLN A 174 -1.65 11.40 0.75
CA GLN A 174 -1.98 10.20 1.55
C GLN A 174 -3.53 10.05 1.64
N TYR A 175 -3.97 8.92 1.10
CA TYR A 175 -5.38 8.54 1.06
C TYR A 175 -5.63 7.51 2.17
N HIS A 176 -6.35 7.98 3.18
CA HIS A 176 -6.41 7.20 4.45
C HIS A 176 -7.85 6.68 4.51
N PHE A 177 -8.04 5.42 4.15
CA PHE A 177 -9.43 4.87 4.07
C PHE A 177 -9.92 4.67 5.52
N ARG A 178 -11.15 5.10 5.69
CA ARG A 178 -11.68 5.19 7.04
CA ARG A 178 -11.84 5.28 6.96
C ARG A 178 -12.79 4.17 7.36
N THR A 179 -13.44 3.60 6.34
CA THR A 179 -14.63 2.81 6.56
C THR A 179 -14.45 1.28 6.53
N TRP A 180 -13.21 0.76 6.51
CA TRP A 180 -13.06 -0.73 6.58
C TRP A 180 -13.46 -1.29 7.91
N PRO A 181 -14.39 -2.26 7.91
CA PRO A 181 -14.90 -2.74 9.23
C PRO A 181 -13.84 -3.42 10.08
N ASP A 182 -14.04 -3.44 11.39
CA ASP A 182 -13.05 -4.11 12.18
C ASP A 182 -13.15 -5.64 12.03
N HIS A 183 -14.32 -6.16 11.67
CA HIS A 183 -14.49 -7.59 11.42
C HIS A 183 -14.81 -7.70 9.95
N GLY A 184 -14.15 -8.61 9.24
CA GLY A 184 -14.59 -8.93 7.88
C GLY A 184 -14.15 -7.85 6.91
N VAL A 185 -14.92 -7.81 5.84
CA VAL A 185 -14.65 -6.87 4.73
C VAL A 185 -15.92 -6.01 4.54
N PRO A 186 -15.84 -4.89 3.79
CA PRO A 186 -17.06 -4.13 3.60
C PRO A 186 -18.10 -4.99 2.85
N SER A 187 -19.37 -4.78 3.12
CA SER A 187 -20.38 -5.65 2.54
C SER A 187 -20.70 -5.19 1.07
N ASP A 188 -20.29 -3.98 0.76
CA ASP A 188 -20.47 -3.43 -0.61
C ASP A 188 -19.13 -2.75 -0.99
N PRO A 189 -18.67 -2.89 -2.25
CA PRO A 189 -17.36 -2.37 -2.60
C PRO A 189 -17.39 -0.92 -3.06
N GLY A 190 -18.57 -0.25 -2.96
CA GLY A 190 -18.68 1.09 -3.60
C GLY A 190 -17.64 2.06 -3.02
N GLY A 191 -17.41 1.99 -1.69
CA GLY A 191 -16.50 2.93 -1.01
C GLY A 191 -15.07 2.70 -1.54
N VAL A 192 -14.69 1.44 -1.60
CA VAL A 192 -13.30 1.09 -2.08
C VAL A 192 -13.14 1.51 -3.55
N LEU A 193 -14.13 1.25 -4.40
CA LEU A 193 -14.04 1.63 -5.83
C LEU A 193 -13.98 3.14 -5.98
N ASP A 194 -14.76 3.95 -5.21
CA ASP A 194 -14.62 5.42 -5.35
C ASP A 194 -13.23 5.90 -4.91
N PHE A 195 -12.74 5.32 -3.81
CA PHE A 195 -11.40 5.58 -3.27
C PHE A 195 -10.31 5.21 -4.31
N LEU A 196 -10.39 4.01 -4.88
CA LEU A 196 -9.41 3.60 -5.85
C LEU A 196 -9.48 4.48 -7.08
N GLU A 197 -10.67 4.96 -7.47
CA GLU A 197 -10.73 5.78 -8.69
C GLU A 197 -10.05 7.13 -8.44
N GLU A 198 -10.21 7.68 -7.22
CA GLU A 198 -9.49 8.94 -6.90
C GLU A 198 -7.96 8.76 -6.79
N VAL A 199 -7.50 7.62 -6.27
CA VAL A 199 -6.08 7.30 -6.25
C VAL A 199 -5.57 7.18 -7.70
N HIS A 200 -6.34 6.52 -8.56
CA HIS A 200 -5.98 6.34 -9.98
C HIS A 200 -5.74 7.70 -10.64
N HIS A 201 -6.67 8.63 -10.41
CA HIS A 201 -6.61 9.95 -11.13
C HIS A 201 -5.46 10.76 -10.52
N LYS A 202 -5.25 10.63 -9.19
CA LYS A 202 -4.21 11.38 -8.60
C LYS A 202 -2.84 10.92 -9.12
N GLN A 203 -2.63 9.64 -9.13
CA GLN A 203 -1.36 9.09 -9.59
C GLN A 203 -1.13 9.47 -11.05
N GLU A 204 -2.20 9.41 -11.83
CA GLU A 204 -1.99 9.74 -13.28
C GLU A 204 -1.78 11.24 -13.54
N SER A 205 -2.13 12.05 -12.54
CA SER A 205 -2.02 13.50 -12.70
C SER A 205 -0.57 14.01 -12.48
N ILE A 206 0.30 13.15 -12.00
CA ILE A 206 1.62 13.55 -11.58
C ILE A 206 2.67 12.86 -12.47
N MET A 207 3.41 13.66 -13.26
CA MET A 207 4.31 13.12 -14.27
C MET A 207 5.36 12.19 -13.63
N ASP A 208 5.39 10.96 -14.11
CA ASP A 208 6.41 9.96 -13.81
C ASP A 208 6.48 9.66 -12.24
N ALA A 209 5.36 9.84 -11.57
CA ALA A 209 5.31 9.43 -10.12
C ALA A 209 5.83 8.02 -9.96
N GLY A 210 6.41 7.76 -8.77
CA GLY A 210 6.92 6.40 -8.42
C GLY A 210 5.79 5.45 -7.95
N PRO A 211 6.16 4.33 -7.39
CA PRO A 211 5.15 3.31 -6.98
C PRO A 211 4.17 3.90 -5.97
N VAL A 212 2.93 3.41 -6.04
CA VAL A 212 1.94 3.72 -5.03
C VAL A 212 2.24 2.89 -3.78
N VAL A 213 2.40 3.52 -2.63
CA VAL A 213 2.59 2.76 -1.38
C VAL A 213 1.24 2.38 -0.84
N VAL A 214 1.10 1.12 -0.41
CA VAL A 214 -0.17 0.62 0.19
C VAL A 214 0.27 -0.10 1.46
N HIS A 215 -0.46 0.18 2.53
CA HIS A 215 -0.17 -0.56 3.83
C HIS A 215 -1.43 -0.81 4.66
N CYS A 216 -1.30 -1.80 5.49
CA CYS A 216 -2.24 -2.16 6.51
C CYS A 216 -1.41 -2.78 7.67
N SER A 217 -2.00 -3.52 8.58
CA SER A 217 -1.17 -3.88 9.75
C SER A 217 0.08 -4.71 9.35
N ALA A 218 -0.12 -5.78 8.60
CA ALA A 218 1.02 -6.64 8.20
C ALA A 218 1.44 -6.37 6.77
N GLY A 219 0.60 -5.68 5.98
CA GLY A 219 0.98 -5.40 4.61
C GLY A 219 0.71 -6.59 3.71
N ILE A 220 -0.25 -7.46 4.08
CA ILE A 220 -0.58 -8.65 3.25
C ILE A 220 -2.06 -8.81 2.95
N GLY A 221 -2.95 -8.64 3.94
CA GLY A 221 -4.36 -8.95 3.74
C GLY A 221 -5.11 -7.81 3.09
N ARG A 222 -5.45 -6.74 3.83
CA ARG A 222 -6.06 -5.59 3.16
C ARG A 222 -5.20 -5.00 2.06
N THR A 223 -3.90 -4.93 2.30
CA THR A 223 -3.00 -4.40 1.27
C THR A 223 -3.09 -5.22 0.02
N GLY A 224 -3.07 -6.53 0.18
CA GLY A 224 -3.19 -7.40 -1.01
C GLY A 224 -4.53 -7.29 -1.73
N THR A 225 -5.58 -7.13 -0.95
CA THR A 225 -6.96 -7.05 -1.52
C THR A 225 -7.01 -5.77 -2.33
N PHE A 226 -6.51 -4.66 -1.77
CA PHE A 226 -6.52 -3.38 -2.55
CA PHE A 226 -6.52 -3.41 -2.58
C PHE A 226 -5.69 -3.48 -3.83
N ILE A 227 -4.49 -4.00 -3.73
CA ILE A 227 -3.58 -4.03 -4.88
C ILE A 227 -4.13 -4.95 -5.95
N VAL A 228 -4.64 -6.12 -5.57
CA VAL A 228 -5.20 -7.01 -6.61
C VAL A 228 -6.42 -6.40 -7.30
N ILE A 229 -7.36 -5.78 -6.57
CA ILE A 229 -8.47 -5.09 -7.24
C ILE A 229 -7.95 -4.02 -8.21
N ASP A 230 -7.00 -3.21 -7.75
CA ASP A 230 -6.48 -2.12 -8.63
C ASP A 230 -5.84 -2.68 -9.91
N ILE A 231 -5.02 -3.72 -9.73
CA ILE A 231 -4.38 -4.36 -10.92
C ILE A 231 -5.48 -4.82 -11.90
N LEU A 232 -6.52 -5.48 -11.37
CA LEU A 232 -7.56 -6.03 -12.29
C LEU A 232 -8.31 -4.92 -12.95
N ILE A 233 -8.63 -3.86 -12.19
CA ILE A 233 -9.36 -2.77 -12.82
C ILE A 233 -8.54 -2.11 -13.92
N ASP A 234 -7.25 -1.97 -13.66
CA ASP A 234 -6.34 -1.37 -14.70
C ASP A 234 -6.26 -2.26 -15.97
N ILE A 235 -6.36 -3.57 -15.80
CA ILE A 235 -6.50 -4.40 -16.99
C ILE A 235 -7.75 -4.06 -17.80
N ILE A 236 -8.87 -3.95 -17.11
CA ILE A 236 -10.11 -3.53 -17.76
C ILE A 236 -10.05 -2.13 -18.41
N ARG A 237 -9.30 -1.23 -17.77
CA ARG A 237 -9.07 0.07 -18.42
C ARG A 237 -8.44 -0.09 -19.77
N GLU A 238 -7.53 -1.05 -19.89
CA GLU A 238 -6.71 -1.16 -21.12
C GLU A 238 -7.43 -1.98 -22.18
N LYS A 239 -8.11 -3.02 -21.70
CA LYS A 239 -8.64 -4.09 -22.58
C LYS A 239 -10.20 -4.14 -22.70
N GLY A 240 -10.95 -3.45 -21.83
CA GLY A 240 -12.42 -3.39 -21.90
C GLY A 240 -13.00 -4.52 -21.02
N VAL A 241 -14.30 -4.39 -20.74
CA VAL A 241 -15.07 -5.24 -19.85
C VAL A 241 -15.20 -6.70 -20.19
N ASP A 242 -14.84 -7.06 -21.44
CA ASP A 242 -14.96 -8.45 -21.88
C ASP A 242 -13.60 -9.14 -21.91
N ARG A 243 -12.60 -8.46 -21.37
CA ARG A 243 -11.23 -8.98 -21.35
C ARG A 243 -11.14 -10.26 -20.49
N ASP A 244 -10.09 -11.06 -20.72
CA ASP A 244 -9.84 -12.23 -19.86
C ASP A 244 -9.35 -11.75 -18.51
N ILE A 245 -9.99 -12.23 -17.47
CA ILE A 245 -9.58 -11.95 -16.11
C ILE A 245 -9.31 -13.27 -15.44
N ASP A 246 -8.25 -13.32 -14.69
CA ASP A 246 -7.98 -14.55 -13.97
C ASP A 246 -7.52 -14.12 -12.56
N VAL A 247 -8.44 -14.11 -11.60
CA VAL A 247 -8.14 -13.57 -10.29
C VAL A 247 -7.13 -14.51 -9.56
N PRO A 248 -7.33 -15.83 -9.68
CA PRO A 248 -6.29 -16.66 -8.93
C PRO A 248 -4.85 -16.48 -9.49
N LYS A 249 -4.77 -16.33 -10.82
CA LYS A 249 -3.48 -16.22 -11.50
C LYS A 249 -2.84 -14.88 -11.04
N THR A 250 -3.66 -13.83 -10.95
CA THR A 250 -3.13 -12.53 -10.52
C THR A 250 -2.66 -12.57 -9.08
N ILE A 251 -3.45 -13.21 -8.22
CA ILE A 251 -3.07 -13.37 -6.79
C ILE A 251 -1.78 -14.14 -6.68
N GLN A 252 -1.64 -15.26 -7.40
CA GLN A 252 -0.36 -15.98 -7.39
C GLN A 252 0.85 -15.11 -7.85
N MET A 253 0.61 -14.30 -8.84
CA MET A 253 1.63 -13.44 -9.44
C MET A 253 2.03 -12.41 -8.35
N VAL A 254 1.03 -11.83 -7.66
CA VAL A 254 1.42 -10.91 -6.55
C VAL A 254 2.11 -11.66 -5.37
N ARG A 255 1.69 -12.90 -5.14
CA ARG A 255 2.29 -13.68 -4.02
C ARG A 255 3.73 -14.07 -4.29
N SER A 256 4.13 -14.07 -5.56
CA SER A 256 5.53 -14.39 -5.85
C SER A 256 6.46 -13.17 -5.44
N GLN A 257 5.84 -12.02 -5.08
CA GLN A 257 6.56 -10.77 -4.85
C GLN A 257 6.43 -10.36 -3.39
N ARG A 258 5.38 -10.80 -2.67
CA ARG A 258 5.31 -10.64 -1.19
C ARG A 258 4.43 -11.81 -0.72
N SER A 259 4.86 -12.49 0.31
CA SER A 259 4.22 -13.71 0.85
C SER A 259 2.80 -13.45 1.23
N GLY A 260 1.86 -14.27 0.76
CA GLY A 260 0.60 -14.36 1.46
C GLY A 260 -0.42 -13.29 1.12
N MET A 261 -0.15 -12.51 0.08
CA MET A 261 -1.07 -11.42 -0.23
C MET A 261 -2.50 -11.95 -0.46
N VAL A 262 -3.48 -11.27 0.10
CA VAL A 262 -4.87 -11.72 0.20
C VAL A 262 -4.97 -12.87 1.20
N GLN A 263 -5.40 -12.54 2.42
CA GLN A 263 -5.36 -13.53 3.53
C GLN A 263 -6.58 -14.38 3.77
N THR A 264 -7.76 -13.83 3.44
CA THR A 264 -8.99 -14.55 3.89
C THR A 264 -9.96 -14.79 2.75
N GLU A 265 -10.86 -15.74 2.92
CA GLU A 265 -11.87 -16.02 1.92
C GLU A 265 -12.82 -14.83 1.73
N ALA A 266 -13.11 -14.04 2.79
CA ALA A 266 -13.98 -12.90 2.57
C ALA A 266 -13.29 -11.83 1.66
N GLN A 267 -11.99 -11.71 1.88
CA GLN A 267 -11.22 -10.76 1.03
C GLN A 267 -11.25 -11.22 -0.42
N TYR A 268 -11.09 -12.54 -0.62
CA TYR A 268 -11.12 -13.16 -1.94
C TYR A 268 -12.45 -12.87 -2.60
N ARG A 269 -13.56 -13.13 -1.90
CA ARG A 269 -14.90 -12.88 -2.46
C ARG A 269 -15.07 -11.36 -2.81
N PHE A 270 -14.54 -10.53 -1.91
CA PHE A 270 -14.66 -9.09 -2.04
C PHE A 270 -13.95 -8.65 -3.33
N ILE A 271 -12.81 -9.29 -3.69
CA ILE A 271 -12.13 -8.92 -4.96
C ILE A 271 -13.07 -9.10 -6.13
N TYR A 272 -13.67 -10.30 -6.22
CA TYR A 272 -14.59 -10.52 -7.35
C TYR A 272 -15.77 -9.54 -7.34
N MET A 273 -16.33 -9.28 -6.16
CA MET A 273 -17.45 -8.32 -6.08
C MET A 273 -17.02 -6.91 -6.55
N ALA A 274 -15.81 -6.50 -6.12
CA ALA A 274 -15.36 -5.17 -6.52
C ALA A 274 -15.20 -5.05 -8.05
N VAL A 275 -14.53 -6.04 -8.66
CA VAL A 275 -14.32 -6.00 -10.12
C VAL A 275 -15.64 -6.09 -10.81
N GLN A 276 -16.53 -6.99 -10.39
CA GLN A 276 -17.88 -7.06 -11.05
C GLN A 276 -18.53 -5.70 -10.99
N HIS A 277 -18.54 -5.06 -9.79
CA HIS A 277 -19.18 -3.76 -9.70
C HIS A 277 -18.50 -2.71 -10.64
N TYR A 278 -17.18 -2.80 -10.78
CA TYR A 278 -16.47 -1.80 -11.60
C TYR A 278 -17.00 -1.96 -13.06
N ILE A 279 -17.07 -3.20 -13.51
CA ILE A 279 -17.52 -3.56 -14.85
C ILE A 279 -18.96 -3.01 -15.07
N GLU A 280 -19.81 -3.16 -14.06
CA GLU A 280 -21.22 -2.67 -14.10
CA GLU A 280 -21.19 -2.70 -14.15
C GLU A 280 -21.22 -1.18 -14.36
N THR A 281 -20.29 -0.44 -13.74
CA THR A 281 -20.17 1.02 -13.96
C THR A 281 -19.89 1.45 -15.40
N LEU A 282 -19.37 0.55 -16.22
CA LEU A 282 -19.03 0.87 -17.59
C LEU A 282 -20.07 0.37 -18.58
#